data_5WEI
#
_entry.id   5WEI
#
_cell.length_a   89.474
_cell.length_b   89.474
_cell.length_c   133.662
_cell.angle_alpha   90.000
_cell.angle_beta   90.000
_cell.angle_gamma   90.000
#
_symmetry.space_group_name_H-M   'I 4 2 2'
#
loop_
_entity.id
_entity.type
_entity.pdbx_description
1 polymer 'Polymerase acidic protein'
2 non-polymer 'MANGANESE (II) ION'
3 non-polymer 'SULFATE ION'
4 non-polymer 2-[(2S)-1-(2,6-dichlorobenzene-1-carbonyl)pyrrolidin-2-yl]-5-hydroxy-6-oxo-N-(2-phenylethyl)-1,6-dihydropyrimidine-4-carboxamide
5 water water
#
_entity_poly.entity_id   1
_entity_poly.type   'polypeptide(L)'
_entity_poly.pdbx_seq_one_letter_code
;MGSSHHHHHHSSGLVPRGSHMEDFVRQCFNPMIVELAEKAMKEYGEDPKIETNKFAAICTHLEVCFMYSDGGSKHRFEII
EGRDRIMAWTVVNSICNTTGVEKPKFLPDLYDYKENRFIDIGVTRREVHIYYLEKANKIKSEKTHIHIFSFTGEEMATKA
DYTLDEESRARIKTRLFTIRQEMASRSLWDSFRQSER
;
_entity_poly.pdbx_strand_id   A
#
loop_
_chem_comp.id
_chem_comp.type
_chem_comp.name
_chem_comp.formula
GY6 non-polymer 2-[(2S)-1-(2,6-dichlorobenzene-1-carbonyl)pyrrolidin-2-yl]-5-hydroxy-6-oxo-N-(2-phenylethyl)-1,6-dihydropyrimidine-4-carboxamide 'C24 H22 Cl2 N4 O4'
MN non-polymer 'MANGANESE (II) ION' 'Mn 2'
SO4 non-polymer 'SULFATE ION' 'O4 S -2'
#
# COMPACT_ATOMS: atom_id res chain seq x y z
N ARG A 17 -23.90 -14.12 0.16
CA ARG A 17 -23.11 -15.09 0.91
C ARG A 17 -22.08 -14.37 1.79
N GLY A 18 -22.06 -14.71 3.08
CA GLY A 18 -21.21 -14.03 4.04
C GLY A 18 -19.97 -14.80 4.44
N SER A 19 -18.80 -14.27 4.07
CA SER A 19 -17.54 -14.98 4.26
C SER A 19 -16.91 -14.61 5.59
N HIS A 20 -16.14 -15.57 6.14
CA HIS A 20 -15.36 -15.30 7.34
C HIS A 20 -14.35 -14.18 7.10
N MET A 21 -13.77 -14.13 5.90
CA MET A 21 -12.73 -13.14 5.63
C MET A 21 -13.28 -11.73 5.73
N GLU A 22 -14.46 -11.49 5.17
CA GLU A 22 -15.05 -10.16 5.23
C GLU A 22 -15.33 -9.75 6.68
N ASP A 23 -15.82 -10.68 7.49
CA ASP A 23 -16.04 -10.36 8.90
C ASP A 23 -14.72 -10.12 9.63
N PHE A 24 -13.67 -10.88 9.28
CA PHE A 24 -12.36 -10.65 9.90
C PHE A 24 -11.82 -9.27 9.53
N VAL A 25 -11.85 -8.93 8.24
CA VAL A 25 -11.39 -7.62 7.79
C VAL A 25 -12.08 -6.51 8.56
N ARG A 26 -13.41 -6.63 8.75
CA ARG A 26 -14.17 -5.55 9.37
C ARG A 26 -13.82 -5.36 10.83
N GLN A 27 -13.45 -6.43 11.54
CA GLN A 27 -13.09 -6.31 12.94
C GLN A 27 -11.59 -6.19 13.18
N CYS A 28 -10.77 -6.23 12.13
CA CYS A 28 -9.31 -6.11 12.27
C CYS A 28 -8.78 -4.73 11.87
N PHE A 29 -9.43 -4.07 10.91
CA PHE A 29 -9.02 -2.76 10.45
C PHE A 29 -9.99 -1.71 10.95
N ASN A 30 -9.51 -0.48 11.11
CA ASN A 30 -10.36 0.56 11.64
C ASN A 30 -11.38 0.98 10.57
N PRO A 31 -12.54 1.50 10.98
CA PRO A 31 -13.62 1.78 10.02
C PRO A 31 -13.22 2.72 8.91
N MET A 32 -12.36 3.70 9.19
CA MET A 32 -11.95 4.64 8.14
C MET A 32 -11.18 3.92 7.04
N ILE A 33 -10.40 2.89 7.38
CA ILE A 33 -9.68 2.17 6.34
C ILE A 33 -10.65 1.29 5.55
N VAL A 34 -11.56 0.61 6.24
CA VAL A 34 -12.49 -0.29 5.57
C VAL A 34 -13.36 0.49 4.58
N GLU A 35 -13.85 1.65 5.01
CA GLU A 35 -14.65 2.50 4.13
C GLU A 35 -13.85 2.92 2.90
N LEU A 36 -12.60 3.32 3.10
CA LEU A 36 -11.77 3.72 1.97
C LEU A 36 -11.52 2.54 1.04
N ALA A 37 -11.35 1.34 1.60
CA ALA A 37 -11.14 0.17 0.76
C ALA A 37 -12.38 -0.15 -0.06
N GLU A 38 -13.55 -0.07 0.56
CA GLU A 38 -14.81 -0.33 -0.15
C GLU A 38 -15.01 0.67 -1.29
N LYS A 39 -14.82 1.96 -0.99
CA LYS A 39 -14.98 2.96 -2.04
C LYS A 39 -13.99 2.73 -3.17
N ALA A 40 -12.79 2.26 -2.83
CA ALA A 40 -11.80 1.97 -3.87
C ALA A 40 -12.22 0.78 -4.71
N MET A 41 -12.79 -0.26 -4.07
CA MET A 41 -13.15 -1.46 -4.81
C MET A 41 -14.31 -1.20 -5.77
N LYS A 42 -15.33 -0.46 -5.31
CA LYS A 42 -16.47 -0.17 -6.18
C LYS A 42 -16.13 0.87 -7.24
N GLU A 43 -15.26 1.83 -6.92
CA GLU A 43 -14.82 2.80 -7.93
C GLU A 43 -14.25 2.09 -9.14
N TYR A 44 -13.59 0.95 -8.94
CA TYR A 44 -13.17 0.08 -10.02
C TYR A 44 -14.08 -1.13 -10.18
N GLY A 45 -15.31 -1.05 -9.66
CA GLY A 45 -16.33 -2.05 -9.88
C GLY A 45 -16.02 -3.45 -9.37
N GLU A 46 -15.79 -3.59 -8.06
CA GLU A 46 -15.54 -4.90 -7.47
C GLU A 46 -16.25 -4.97 -6.11
N ASP A 47 -16.55 -6.21 -5.70
CA ASP A 47 -17.42 -6.44 -4.56
C ASP A 47 -16.62 -6.94 -3.37
N PRO A 48 -16.58 -6.18 -2.26
CA PRO A 48 -15.87 -6.67 -1.06
C PRO A 48 -16.46 -7.93 -0.48
N LYS A 49 -17.73 -8.23 -0.77
CA LYS A 49 -18.35 -9.43 -0.20
C LYS A 49 -17.97 -10.69 -0.98
N ILE A 50 -17.58 -10.54 -2.24
CA ILE A 50 -17.23 -11.68 -3.08
C ILE A 50 -15.71 -11.81 -3.13
N GLU A 51 -15.03 -10.76 -3.61
CA GLU A 51 -13.57 -10.78 -3.75
C GLU A 51 -12.93 -10.32 -2.44
N THR A 52 -12.96 -11.23 -1.46
CA THR A 52 -12.67 -10.87 -0.08
C THR A 52 -11.19 -10.82 0.23
N ASN A 53 -10.38 -11.64 -0.46
CA ASN A 53 -8.93 -11.54 -0.29
C ASN A 53 -8.43 -10.19 -0.77
N LYS A 54 -8.89 -9.75 -1.94
CA LYS A 54 -8.58 -8.42 -2.43
C LYS A 54 -9.02 -7.34 -1.45
N PHE A 55 -10.21 -7.50 -0.86
CA PHE A 55 -10.64 -6.59 0.20
C PHE A 55 -9.61 -6.54 1.31
N ALA A 56 -9.11 -7.70 1.73
CA ALA A 56 -8.12 -7.73 2.80
C ALA A 56 -6.82 -7.08 2.37
N ALA A 57 -6.41 -7.29 1.13
CA ALA A 57 -5.15 -6.72 0.66
C ALA A 57 -5.24 -5.20 0.53
N ILE A 58 -6.38 -4.70 0.05
CA ILE A 58 -6.52 -3.26 -0.11
C ILE A 58 -6.51 -2.57 1.24
N CYS A 59 -7.19 -3.15 2.24
CA CYS A 59 -7.13 -2.58 3.58
C CYS A 59 -5.70 -2.56 4.09
N THR A 60 -4.97 -3.66 3.89
CA THR A 60 -3.60 -3.75 4.35
C THR A 60 -2.72 -2.72 3.68
N HIS A 61 -2.83 -2.61 2.36
CA HIS A 61 -2.06 -1.62 1.61
C HIS A 61 -2.36 -0.21 2.11
N LEU A 62 -3.63 0.08 2.38
CA LEU A 62 -4.02 1.39 2.87
C LEU A 62 -3.40 1.67 4.24
N GLU A 63 -3.48 0.71 5.16
CA GLU A 63 -2.91 0.92 6.49
C GLU A 63 -1.40 1.16 6.40
N VAL A 64 -0.71 0.36 5.59
CA VAL A 64 0.74 0.51 5.48
C VAL A 64 1.08 1.89 4.90
N CYS A 65 0.33 2.33 3.89
CA CYS A 65 0.55 3.66 3.35
C CYS A 65 0.37 4.73 4.41
N PHE A 66 -0.66 4.58 5.26
CA PHE A 66 -0.90 5.57 6.30
C PHE A 66 0.16 5.49 7.40
N MET A 67 0.50 4.29 7.86
CA MET A 67 1.61 4.16 8.80
C MET A 67 2.90 4.74 8.23
N TYR A 68 3.14 4.50 6.93
CA TYR A 68 4.33 5.04 6.28
C TYR A 68 4.37 6.57 6.35
N SER A 69 3.26 7.22 5.98
CA SER A 69 3.26 8.68 5.96
C SER A 69 3.38 9.26 7.36
N ASP A 70 2.98 8.49 8.37
CA ASP A 70 3.18 8.88 9.77
C ASP A 70 4.63 8.77 10.22
N GLY A 71 5.50 8.13 9.42
CA GLY A 71 6.86 7.95 9.85
C GLY A 71 7.74 9.18 9.74
N GLY A 72 7.40 10.10 8.85
CA GLY A 72 8.26 11.23 8.57
C GLY A 72 8.01 12.41 9.49
N SER A 73 8.59 13.55 9.12
CA SER A 73 8.26 14.82 9.75
C SER A 73 6.83 15.22 9.39
N LYS A 74 6.38 16.33 9.99
CA LYS A 74 4.99 16.75 9.89
C LYS A 74 4.55 16.93 8.44
N HIS A 75 5.29 17.75 7.69
CA HIS A 75 4.90 18.12 6.33
C HIS A 75 5.60 17.27 5.27
N ARG A 76 6.17 16.12 5.65
CA ARG A 76 7.10 15.45 4.75
C ARG A 76 6.39 14.82 3.55
N PHE A 77 5.24 14.20 3.78
CA PHE A 77 4.59 13.40 2.77
C PHE A 77 3.25 13.98 2.36
N GLU A 78 3.01 14.00 1.05
CA GLU A 78 1.67 14.17 0.50
C GLU A 78 1.10 12.79 0.19
N ILE A 79 -0.10 12.52 0.69
CA ILE A 79 -0.73 11.21 0.57
C ILE A 79 -1.62 11.19 -0.67
N ILE A 80 -1.31 10.29 -1.60
CA ILE A 80 -2.10 10.13 -2.82
C ILE A 80 -3.07 8.97 -2.70
N GLU A 81 -2.61 7.85 -2.14
CA GLU A 81 -3.45 6.69 -1.93
C GLU A 81 -4.61 7.04 -1.00
N GLY A 82 -5.77 6.45 -1.27
CA GLY A 82 -6.95 6.71 -0.48
C GLY A 82 -7.86 7.82 -0.99
N ARG A 83 -7.57 8.39 -2.15
CA ARG A 83 -8.38 9.45 -2.74
C ARG A 83 -9.15 8.95 -3.94
N ASP A 84 -10.15 9.73 -4.35
CA ASP A 84 -10.75 9.53 -5.65
C ASP A 84 -9.71 9.62 -6.73
N ARG A 85 -9.89 8.83 -7.79
CA ARG A 85 -8.93 8.82 -8.90
C ARG A 85 -8.72 10.23 -9.45
N ILE A 86 -9.77 11.05 -9.47
CA ILE A 86 -9.68 12.36 -10.10
C ILE A 86 -8.84 13.31 -9.25
N MET A 87 -9.11 13.35 -7.95
CA MET A 87 -8.38 14.26 -7.07
C MET A 87 -6.96 13.78 -6.82
N ALA A 88 -6.73 12.47 -6.86
CA ALA A 88 -5.37 11.95 -6.73
C ALA A 88 -4.50 12.45 -7.86
N TRP A 89 -4.99 12.34 -9.10
CA TRP A 89 -4.22 12.84 -10.24
C TRP A 89 -4.11 14.36 -10.19
N THR A 90 -5.14 15.04 -9.70
CA THR A 90 -5.06 16.49 -9.53
C THR A 90 -3.89 16.87 -8.62
N VAL A 91 -3.74 16.17 -7.50
CA VAL A 91 -2.64 16.47 -6.58
C VAL A 91 -1.31 16.11 -7.23
N VAL A 92 -1.28 15.02 -7.99
CA VAL A 92 -0.05 14.62 -8.69
C VAL A 92 0.38 15.71 -9.66
N ASN A 93 -0.57 16.25 -10.42
CA ASN A 93 -0.26 17.32 -11.36
C ASN A 93 0.22 18.57 -10.63
N SER A 94 -0.41 18.90 -9.50
CA SER A 94 0.05 20.06 -8.74
C SER A 94 1.47 19.86 -8.26
N ILE A 95 1.79 18.63 -7.83
CA ILE A 95 3.15 18.35 -7.36
C ILE A 95 4.14 18.44 -8.52
N CYS A 96 3.79 17.83 -9.65
CA CYS A 96 4.69 17.89 -10.81
C CYS A 96 4.84 19.32 -11.31
N ASN A 97 3.73 20.01 -11.51
CA ASN A 97 3.78 21.36 -12.07
C ASN A 97 4.39 22.38 -11.12
N THR A 98 4.74 21.99 -9.89
CA THR A 98 5.42 22.90 -8.98
C THR A 98 6.80 22.42 -8.56
N THR A 99 7.13 21.15 -8.78
CA THR A 99 8.48 20.66 -8.55
C THR A 99 9.20 20.27 -9.84
N GLY A 100 8.50 20.29 -10.98
CA GLY A 100 9.07 19.82 -12.22
C GLY A 100 9.35 18.34 -12.30
N VAL A 101 9.08 17.58 -11.22
CA VAL A 101 9.31 16.14 -11.26
C VAL A 101 8.45 15.53 -12.35
N GLU A 102 8.94 14.45 -12.95
CA GLU A 102 8.24 13.80 -14.05
C GLU A 102 6.91 13.22 -13.57
N LYS A 103 5.90 13.30 -14.43
CA LYS A 103 4.55 12.78 -14.15
C LYS A 103 4.54 11.28 -14.32
N PRO A 104 4.32 10.50 -13.26
CA PRO A 104 4.37 9.04 -13.37
C PRO A 104 3.24 8.52 -14.24
N LYS A 105 3.51 7.39 -14.90
CA LYS A 105 2.51 6.79 -15.78
C LYS A 105 1.31 6.31 -14.98
N PHE A 106 1.54 5.74 -13.81
CA PHE A 106 0.47 5.21 -12.98
C PHE A 106 0.51 5.85 -11.60
N LEU A 107 -0.65 5.84 -10.94
CA LEU A 107 -0.84 6.56 -9.68
C LEU A 107 0.13 6.08 -8.61
N PRO A 108 0.94 6.97 -8.04
CA PRO A 108 1.76 6.60 -6.88
C PRO A 108 0.92 6.65 -5.61
N ASP A 109 1.58 6.44 -4.47
CA ASP A 109 0.96 6.40 -3.15
C ASP A 109 1.25 7.64 -2.32
N LEU A 110 2.49 8.12 -2.36
CA LEU A 110 2.90 9.30 -1.63
C LEU A 110 3.80 10.12 -2.52
N TYR A 111 4.00 11.37 -2.13
CA TYR A 111 5.10 12.17 -2.61
C TYR A 111 5.94 12.59 -1.42
N ASP A 112 7.25 12.42 -1.55
CA ASP A 112 8.21 12.77 -0.51
C ASP A 112 8.69 14.19 -0.78
N TYR A 113 8.25 15.14 0.04
CA TYR A 113 8.75 16.51 -0.11
C TYR A 113 10.21 16.65 0.28
N LYS A 114 10.73 15.75 1.11
CA LYS A 114 12.13 15.85 1.51
C LYS A 114 13.06 15.32 0.43
N GLU A 115 12.75 14.15 -0.13
CA GLU A 115 13.59 13.55 -1.16
C GLU A 115 13.11 13.88 -2.56
N ASN A 116 11.99 14.58 -2.71
CA ASN A 116 11.49 15.06 -4.00
C ASN A 116 11.24 13.91 -4.97
N ARG A 117 10.43 12.96 -4.54
CA ARG A 117 10.08 11.82 -5.40
C ARG A 117 8.76 11.22 -4.96
N PHE A 118 8.09 10.59 -5.91
CA PHE A 118 6.91 9.79 -5.62
C PHE A 118 7.35 8.41 -5.12
N ILE A 119 6.53 7.83 -4.25
CA ILE A 119 6.75 6.48 -3.76
C ILE A 119 5.52 5.65 -4.05
N ASP A 120 5.74 4.46 -4.62
CA ASP A 120 4.75 3.41 -4.70
C ASP A 120 5.15 2.35 -3.69
N ILE A 121 4.30 2.18 -2.67
CA ILE A 121 4.50 1.18 -1.63
C ILE A 121 3.79 -0.09 -2.05
N GLY A 122 4.44 -1.23 -1.84
CA GLY A 122 3.87 -2.52 -2.18
C GLY A 122 3.85 -3.43 -0.97
N VAL A 123 2.86 -4.30 -0.92
CA VAL A 123 2.76 -5.34 0.10
C VAL A 123 2.52 -6.66 -0.63
N THR A 124 3.35 -7.65 -0.33
CA THR A 124 3.35 -8.89 -1.09
C THR A 124 3.39 -10.09 -0.16
N ARG A 125 2.88 -11.21 -0.66
CA ARG A 125 3.05 -12.51 -0.04
C ARG A 125 4.06 -13.38 -0.77
N ARG A 126 4.78 -12.81 -1.73
CA ARG A 126 5.88 -13.49 -2.44
C ARG A 126 7.21 -12.97 -1.90
N GLU A 127 8.30 -13.41 -2.52
CA GLU A 127 9.59 -12.83 -2.22
C GLU A 127 9.62 -11.39 -2.73
N VAL A 128 10.17 -10.49 -1.90
CA VAL A 128 10.05 -9.06 -2.18
C VAL A 128 10.57 -8.72 -3.57
N HIS A 129 11.55 -9.47 -4.07
CA HIS A 129 12.16 -9.08 -5.33
C HIS A 129 11.37 -9.58 -6.53
N ILE A 130 10.75 -10.76 -6.43
CA ILE A 130 9.76 -11.15 -7.42
C ILE A 130 8.74 -10.03 -7.60
N TYR A 131 8.25 -9.48 -6.50
CA TYR A 131 7.23 -8.43 -6.58
C TYR A 131 7.83 -7.10 -7.05
N TYR A 132 9.02 -6.74 -6.57
CA TYR A 132 9.61 -5.46 -6.96
C TYR A 132 9.87 -5.43 -8.46
N LEU A 133 10.47 -6.48 -8.99
CA LEU A 133 10.81 -6.49 -10.42
C LEU A 133 9.57 -6.26 -11.28
N GLU A 134 8.47 -6.95 -10.97
CA GLU A 134 7.25 -6.76 -11.76
C GLU A 134 6.73 -5.34 -11.60
N LYS A 135 6.74 -4.81 -10.37
CA LYS A 135 6.34 -3.42 -10.17
C LYS A 135 7.29 -2.46 -10.87
N ALA A 136 8.55 -2.84 -11.01
CA ALA A 136 9.53 -1.98 -11.68
C ALA A 136 9.22 -1.85 -13.16
N ASN A 137 9.00 -2.97 -13.84
CA ASN A 137 8.77 -2.92 -15.28
C ASN A 137 7.38 -2.42 -15.62
N LYS A 138 6.38 -2.72 -14.79
CA LYS A 138 5.03 -2.23 -15.06
C LYS A 138 4.98 -0.72 -15.01
N ILE A 139 5.62 -0.12 -14.01
CA ILE A 139 5.73 1.33 -13.97
C ILE A 139 6.64 1.81 -15.10
N LYS A 140 7.84 1.21 -15.21
CA LYS A 140 8.85 1.62 -16.17
C LYS A 140 9.24 3.08 -15.98
N SER A 141 8.60 3.75 -15.03
CA SER A 141 8.88 5.14 -14.69
C SER A 141 10.21 5.20 -13.94
N GLU A 142 11.22 5.83 -14.54
CA GLU A 142 12.53 5.82 -13.93
C GLU A 142 12.58 6.61 -12.63
N LYS A 143 11.69 7.60 -12.48
CA LYS A 143 11.76 8.52 -11.35
C LYS A 143 11.12 7.97 -10.07
N THR A 144 10.00 7.25 -10.19
CA THR A 144 9.18 6.89 -9.03
C THR A 144 9.89 5.88 -8.13
N HIS A 145 9.99 6.21 -6.84
CA HIS A 145 10.63 5.33 -5.87
C HIS A 145 9.70 4.19 -5.48
N ILE A 146 10.26 2.99 -5.31
CA ILE A 146 9.50 1.80 -4.98
C ILE A 146 9.92 1.30 -3.60
N HIS A 147 8.95 0.94 -2.78
CA HIS A 147 9.24 0.37 -1.46
C HIS A 147 8.29 -0.78 -1.20
N ILE A 148 8.83 -1.99 -1.06
CA ILE A 148 8.07 -3.22 -0.94
C ILE A 148 8.20 -3.77 0.48
N PHE A 149 7.08 -4.17 1.08
CA PHE A 149 7.06 -4.91 2.33
C PHE A 149 6.44 -6.28 2.09
N SER A 150 6.94 -7.28 2.80
CA SER A 150 6.33 -8.61 2.80
C SER A 150 5.70 -8.90 4.16
N PHE A 151 4.88 -9.94 4.19
CA PHE A 151 4.29 -10.45 5.42
C PHE A 151 5.26 -11.32 6.22
N THR A 152 6.54 -11.35 5.85
CA THR A 152 7.54 -12.11 6.58
C THR A 152 8.68 -11.23 7.03
N GLY A 153 8.41 -9.95 7.24
CA GLY A 153 9.36 -9.03 7.82
C GLY A 153 10.44 -8.51 6.89
N GLU A 154 10.39 -8.84 5.60
CA GLU A 154 11.39 -8.34 4.68
C GLU A 154 10.90 -7.07 4.02
N GLU A 155 11.85 -6.28 3.51
CA GLU A 155 11.52 -5.11 2.72
C GLU A 155 12.58 -4.96 1.64
N MET A 156 12.29 -4.11 0.66
CA MET A 156 13.20 -3.89 -0.45
C MET A 156 12.82 -2.58 -1.12
N ALA A 157 13.75 -1.64 -1.17
CA ALA A 157 13.45 -0.31 -1.67
C ALA A 157 14.44 0.05 -2.78
N THR A 158 13.99 0.94 -3.67
CA THR A 158 14.82 1.41 -4.77
C THR A 158 16.13 1.97 -4.23
N LYS A 159 17.24 1.60 -4.89
CA LYS A 159 18.58 2.09 -4.57
C LYS A 159 18.98 1.79 -3.12
N ALA A 160 18.35 0.78 -2.50
CA ALA A 160 18.56 0.50 -1.08
C ALA A 160 18.33 1.74 -0.21
N ASP A 161 17.54 2.69 -0.71
CA ASP A 161 17.20 3.92 0.00
C ASP A 161 15.82 3.74 0.60
N TYR A 162 15.78 3.46 1.91
CA TYR A 162 14.55 3.06 2.59
C TYR A 162 13.78 4.23 3.19
N THR A 163 14.18 5.47 2.91
CA THR A 163 13.38 6.67 3.17
C THR A 163 13.20 6.97 4.66
N LEU A 164 12.48 6.09 5.35
CA LEU A 164 12.25 6.28 6.78
C LEU A 164 13.35 5.60 7.59
N ASP A 165 13.47 6.00 8.85
CA ASP A 165 14.38 5.36 9.77
C ASP A 165 13.88 3.97 10.13
N GLU A 166 14.72 3.22 10.85
CA GLU A 166 14.45 1.81 11.09
C GLU A 166 13.18 1.60 11.92
N GLU A 167 12.97 2.42 12.95
CA GLU A 167 11.85 2.21 13.86
C GLU A 167 10.51 2.29 13.13
N SER A 168 10.38 3.22 12.18
CA SER A 168 9.10 3.38 11.50
C SER A 168 8.83 2.21 10.56
N ARG A 169 9.87 1.70 9.90
CA ARG A 169 9.70 0.52 9.07
C ARG A 169 9.45 -0.72 9.92
N ALA A 170 10.15 -0.85 11.05
CA ALA A 170 9.91 -1.99 11.93
C ALA A 170 8.47 -2.00 12.43
N ARG A 171 7.90 -0.83 12.72
CA ARG A 171 6.49 -0.76 13.10
C ARG A 171 5.61 -1.38 12.02
N ILE A 172 5.90 -1.09 10.75
CA ILE A 172 5.09 -1.61 9.66
C ILE A 172 5.23 -3.13 9.58
N LYS A 173 6.47 -3.64 9.69
CA LYS A 173 6.66 -5.09 9.56
C LYS A 173 5.95 -5.85 10.67
N THR A 174 6.07 -5.36 11.91
CA THR A 174 5.33 -5.94 13.04
C THR A 174 3.84 -6.04 12.74
N ARG A 175 3.24 -4.96 12.27
CA ARG A 175 1.80 -5.00 12.03
C ARG A 175 1.46 -6.01 10.94
N LEU A 176 2.25 -6.07 9.88
CA LEU A 176 2.01 -7.03 8.81
C LEU A 176 2.06 -8.46 9.34
N PHE A 177 3.02 -8.75 10.24
CA PHE A 177 3.09 -10.11 10.76
C PHE A 177 1.94 -10.42 11.72
N THR A 178 1.39 -9.40 12.39
CA THR A 178 0.24 -9.63 13.25
C THR A 178 -1.00 -9.95 12.41
N ILE A 179 -1.19 -9.23 11.31
CA ILE A 179 -2.26 -9.56 10.39
C ILE A 179 -2.14 -11.01 9.92
N ARG A 180 -0.92 -11.44 9.60
CA ARG A 180 -0.75 -12.79 9.09
C ARG A 180 -1.07 -13.84 10.16
N GLN A 181 -0.67 -13.58 11.41
CA GLN A 181 -1.01 -14.50 12.49
C GLN A 181 -2.52 -14.54 12.73
N GLU A 182 -3.19 -13.39 12.66
CA GLU A 182 -4.63 -13.36 12.85
C GLU A 182 -5.35 -14.17 11.77
N MET A 183 -4.92 -14.02 10.51
CA MET A 183 -5.49 -14.82 9.44
C MET A 183 -5.16 -16.30 9.62
N ALA A 184 -3.91 -16.60 9.94
CA ALA A 184 -3.52 -17.99 10.16
C ALA A 184 -4.32 -18.59 11.31
N SER A 185 -4.49 -17.84 12.41
CA SER A 185 -5.28 -18.32 13.53
C SER A 185 -6.73 -18.60 13.14
N ARG A 186 -7.20 -18.07 12.02
CA ARG A 186 -8.58 -18.31 11.56
C ARG A 186 -8.65 -19.13 10.29
N SER A 187 -7.56 -19.78 9.89
CA SER A 187 -7.50 -20.66 8.72
C SER A 187 -7.74 -19.92 7.41
N LEU A 188 -7.62 -18.59 7.42
CA LEU A 188 -7.79 -17.79 6.22
C LEU A 188 -6.47 -17.40 5.58
N TRP A 189 -5.35 -17.75 6.21
CA TRP A 189 -4.05 -17.34 5.67
C TRP A 189 -3.73 -18.09 4.38
N ASP A 190 -3.98 -19.40 4.36
CA ASP A 190 -3.64 -20.20 3.19
C ASP A 190 -4.35 -19.70 1.94
N SER A 191 -5.68 -19.53 2.03
CA SER A 191 -6.43 -18.99 0.91
C SER A 191 -5.95 -17.59 0.54
N PHE A 192 -5.50 -16.82 1.54
CA PHE A 192 -5.04 -15.46 1.26
C PHE A 192 -3.68 -15.48 0.56
N ARG A 193 -2.75 -16.33 1.03
CA ARG A 193 -1.42 -16.37 0.45
C ARG A 193 -1.47 -16.94 -0.97
N GLN A 194 -2.33 -17.92 -1.22
CA GLN A 194 -2.42 -18.53 -2.54
C GLN A 194 -3.14 -17.65 -3.54
N SER A 195 -3.93 -16.68 -3.09
CA SER A 195 -4.77 -15.91 -4.00
C SER A 195 -4.04 -14.77 -4.69
N GLU A 196 -2.91 -14.31 -4.15
CA GLU A 196 -2.17 -13.22 -4.78
C GLU A 196 -1.72 -13.58 -6.21
MN MN B . 1.08 0.90 -3.75
MN MN C . -1.74 3.13 -4.64
S SO4 D . -10.56 -12.92 -4.26
O1 SO4 D . -11.77 -13.21 -5.02
O2 SO4 D . -10.75 -13.38 -2.88
O3 SO4 D . -9.44 -13.62 -4.87
O4 SO4 D . -10.32 -11.48 -4.26
S SO4 E . 12.57 13.56 8.43
O1 SO4 E . 12.51 13.29 9.86
O2 SO4 E . 11.36 13.06 7.80
O3 SO4 E . 13.73 12.88 7.84
O4 SO4 E . 12.69 15.00 8.20
S SO4 F . -10.42 13.34 -1.73
O1 SO4 F . -11.46 14.29 -2.13
O2 SO4 F . -10.93 12.48 -0.66
O3 SO4 F . -10.06 12.51 -2.89
O4 SO4 F . -9.23 14.05 -1.26
C01 GY6 G . -2.20 -2.34 -6.26
C03 GY6 G . -2.31 -0.04 -6.22
C04 GY6 G . -1.17 0.05 -5.48
C07 GY6 G . -0.50 -1.12 -5.10
C11 GY6 G . -3.07 1.18 -6.66
C14 GY6 G . -4.87 1.99 -8.11
C17 GY6 G . -5.92 1.42 -9.05
C21 GY6 G . -4.57 -3.01 -8.25
C24 GY6 G . -3.22 -3.70 -8.22
C27 GY6 G . -2.84 -3.64 -6.73
C30 GY6 G . -5.26 -3.60 -7.03
C33 GY6 G . -4.31 -4.33 -4.85
C41 GY6 G . -3.46 -3.75 -3.76
N02 GY6 G . -2.81 -1.22 -6.61
N09 GY6 G . -1.05 -2.31 -5.52
N13 GY6 G . -4.11 0.93 -7.46
N29 GY6 G . -4.14 -3.87 -6.10
O05 GY6 G . -0.63 1.20 -5.07
O08 GY6 G . 0.55 -1.13 -4.43
O12 GY6 G . -2.74 2.32 -6.32
O34 GY6 G . -5.17 -5.17 -4.60
#